data_4MPF
#
_entry.id   4MPF
#
_cell.length_a   92.934
_cell.length_b   92.934
_cell.length_c   119.022
_cell.angle_alpha   90.00
_cell.angle_beta   90.00
_cell.angle_gamma   120.00
#
_symmetry.space_group_name_H-M   'P 31 2 1'
#
loop_
_entity.id
_entity.type
_entity.pdbx_description
1 polymer 'Glutathione S-transferase theta-2'
2 non-polymer 'L(+)-TARTARIC ACID'
3 non-polymer 'PHOSPHATE ION'
4 water water
#
_entity_poly.entity_id   1
_entity_poly.type   'polypeptide(L)'
_entity_poly.pdbx_seq_one_letter_code
;MHHHHHHSSGVDLGTENLYFQSMGLELFLDLVSQPSRAVYIFAKKNGIPLELRTVDLVKGQHKSKEFLQINSLGKLPTLK
DGDFILTESSAILIYLSCKYQTPDHWYPSDLQARARVHEYLGWHADCIRGTFGIPLWVQVLGPLIGVQVPKEKVERNRTA
MDQALQWLEDKFLGDRPFLAGQQVTLADLMALEELMQPVALGYELFEGRPRLAAWRGRVEAFLGAELCQEAHSIILSILE
QAAKKTLPTPSPEAYQAMLLRIARIP
;
_entity_poly.pdbx_strand_id   A,B
#
loop_
_chem_comp.id
_chem_comp.type
_chem_comp.name
_chem_comp.formula
PO4 non-polymer 'PHOSPHATE ION' 'O4 P -3'
TLA non-polymer 'L(+)-TARTARIC ACID' 'C4 H6 O6'
#
# COMPACT_ATOMS: atom_id res chain seq x y z
N GLY A 24 -10.95 -18.55 -21.72
CA GLY A 24 -10.08 -17.38 -22.00
C GLY A 24 -10.12 -16.35 -20.90
N LEU A 25 -8.97 -15.77 -20.61
CA LEU A 25 -8.85 -14.71 -19.61
C LEU A 25 -9.42 -13.39 -20.11
N GLU A 26 -10.03 -12.63 -19.20
CA GLU A 26 -10.47 -11.27 -19.50
C GLU A 26 -9.78 -10.29 -18.58
N LEU A 27 -9.38 -9.16 -19.14
CA LEU A 27 -8.87 -8.05 -18.33
C LEU A 27 -9.77 -6.84 -18.49
N PHE A 28 -10.36 -6.42 -17.39
CA PHE A 28 -11.18 -5.21 -17.38
C PHE A 28 -10.26 -4.09 -16.94
N LEU A 29 -10.16 -3.05 -17.77
CA LEU A 29 -9.16 -2.02 -17.55
C LEU A 29 -9.51 -0.70 -18.24
N ASP A 30 -8.79 0.34 -17.86
CA ASP A 30 -8.86 1.64 -18.51
C ASP A 30 -7.44 2.19 -18.45
N LEU A 31 -6.87 2.49 -19.62
CA LEU A 31 -5.47 2.93 -19.69
C LEU A 31 -5.22 4.34 -19.18
N VAL A 32 -6.29 5.03 -18.80
CA VAL A 32 -6.13 6.29 -18.08
C VAL A 32 -5.62 5.99 -16.66
N SER A 33 -5.81 4.75 -16.20
CA SER A 33 -5.43 4.36 -14.85
C SER A 33 -4.09 3.65 -14.79
N GLN A 34 -3.25 4.06 -13.83
CA GLN A 34 -1.87 3.60 -13.69
C GLN A 34 -1.73 2.08 -13.48
N PRO A 35 -2.44 1.49 -12.49
CA PRO A 35 -2.32 0.03 -12.32
C PRO A 35 -2.88 -0.78 -13.51
N SER A 36 -3.91 -0.26 -14.18
CA SER A 36 -4.39 -0.81 -15.45
C SER A 36 -3.30 -0.85 -16.50
N ARG A 37 -2.54 0.24 -16.64
CA ARG A 37 -1.43 0.26 -17.60
C ARG A 37 -0.34 -0.74 -17.25
N ALA A 38 0.00 -0.86 -15.96
CA ALA A 38 1.04 -1.80 -15.54
C ALA A 38 0.70 -3.23 -15.94
N VAL A 39 -0.55 -3.62 -15.70
CA VAL A 39 -0.98 -4.99 -16.03
C VAL A 39 -1.02 -5.17 -17.55
N TYR A 40 -1.53 -4.16 -18.25
CA TYR A 40 -1.57 -4.15 -19.71
C TYR A 40 -0.17 -4.40 -20.29
N ILE A 41 0.81 -3.64 -19.81
CA ILE A 41 2.20 -3.75 -20.28
C ILE A 41 2.77 -5.15 -20.01
N PHE A 42 2.60 -5.65 -18.79
CA PHE A 42 3.11 -6.96 -18.43
C PHE A 42 2.56 -8.06 -19.33
N ALA A 43 1.25 -8.01 -19.60
CA ALA A 43 0.59 -9.01 -20.44
C ALA A 43 1.10 -8.93 -21.87
N LYS A 44 1.21 -7.70 -22.40
CA LYS A 44 1.64 -7.49 -23.78
C LYS A 44 3.10 -7.90 -23.98
N LYS A 45 3.97 -7.45 -23.08
CA LYS A 45 5.39 -7.80 -23.16
C LYS A 45 5.62 -9.31 -23.05
N ASN A 46 4.74 -10.01 -22.32
CA ASN A 46 4.88 -11.45 -22.15
C ASN A 46 4.01 -12.31 -23.07
N GLY A 47 3.25 -11.66 -23.95
CA GLY A 47 2.40 -12.35 -24.92
C GLY A 47 1.28 -13.17 -24.29
N ILE A 48 0.81 -12.73 -23.13
CA ILE A 48 -0.28 -13.42 -22.46
C ILE A 48 -1.61 -13.06 -23.13
N PRO A 49 -2.30 -14.06 -23.74
CA PRO A 49 -3.52 -13.78 -24.48
C PRO A 49 -4.67 -13.41 -23.57
N LEU A 50 -5.01 -12.13 -23.53
CA LEU A 50 -6.11 -11.63 -22.73
C LEU A 50 -7.18 -10.96 -23.59
N GLU A 51 -8.43 -11.27 -23.33
CA GLU A 51 -9.52 -10.45 -23.84
C GLU A 51 -9.49 -9.14 -23.05
N LEU A 52 -9.12 -8.06 -23.73
CA LEU A 52 -9.12 -6.74 -23.11
C LEU A 52 -10.54 -6.16 -23.14
N ARG A 53 -11.04 -5.79 -21.97
CA ARG A 53 -12.38 -5.24 -21.87
C ARG A 53 -12.30 -3.84 -21.29
N THR A 54 -12.47 -2.83 -22.14
CA THR A 54 -12.40 -1.43 -21.70
C THR A 54 -13.56 -1.08 -20.79
N VAL A 55 -13.23 -0.51 -19.63
CA VAL A 55 -14.24 -0.03 -18.70
C VAL A 55 -13.93 1.44 -18.42
N ASP A 56 -14.79 2.32 -18.93
CA ASP A 56 -14.54 3.76 -18.96
C ASP A 56 -14.75 4.36 -17.57
N LEU A 57 -13.65 4.71 -16.92
CA LEU A 57 -13.66 5.21 -15.54
C LEU A 57 -14.33 6.57 -15.40
N VAL A 58 -13.99 7.50 -16.28
CA VAL A 58 -14.52 8.86 -16.19
C VAL A 58 -16.05 8.85 -16.34
N LYS A 59 -16.55 8.04 -17.28
CA LYS A 59 -17.98 7.82 -17.46
C LYS A 59 -18.62 7.17 -16.22
N GLY A 60 -17.87 6.30 -15.55
CA GLY A 60 -18.34 5.62 -14.35
C GLY A 60 -18.79 4.20 -14.57
N GLN A 61 -18.34 3.61 -15.68
CA GLN A 61 -18.67 2.23 -16.02
C GLN A 61 -18.22 1.21 -14.97
N HIS A 62 -17.17 1.55 -14.22
CA HIS A 62 -16.70 0.71 -13.10
C HIS A 62 -17.69 0.62 -11.94
N LYS A 63 -18.62 1.57 -11.89
CA LYS A 63 -19.65 1.59 -10.84
C LYS A 63 -21.03 1.16 -11.36
N SER A 64 -21.10 0.77 -12.63
CA SER A 64 -22.35 0.28 -13.22
C SER A 64 -22.75 -1.09 -12.67
N LYS A 65 -24.04 -1.40 -12.76
CA LYS A 65 -24.58 -2.66 -12.26
C LYS A 65 -23.88 -3.88 -12.86
N GLU A 66 -23.67 -3.87 -14.18
CA GLU A 66 -23.03 -4.99 -14.88
C GLU A 66 -21.61 -5.28 -14.39
N PHE A 67 -20.84 -4.22 -14.11
CA PHE A 67 -19.50 -4.42 -13.59
C PHE A 67 -19.46 -4.74 -12.10
N LEU A 68 -20.31 -4.08 -11.33
CA LEU A 68 -20.43 -4.39 -9.90
C LEU A 68 -20.83 -5.85 -9.70
N GLN A 69 -21.44 -6.44 -10.73
CA GLN A 69 -21.80 -7.86 -10.73
C GLN A 69 -20.59 -8.76 -10.94
N ILE A 70 -19.48 -8.18 -11.40
CA ILE A 70 -18.24 -8.91 -11.62
C ILE A 70 -17.24 -8.65 -10.49
N ASN A 71 -17.03 -7.37 -10.17
CA ASN A 71 -16.20 -6.95 -9.04
C ASN A 71 -16.98 -5.96 -8.17
N SER A 72 -17.49 -6.43 -7.05
CA SER A 72 -18.31 -5.64 -6.14
C SER A 72 -17.63 -4.37 -5.64
N LEU A 73 -16.29 -4.38 -5.59
CA LEU A 73 -15.52 -3.20 -5.20
C LEU A 73 -15.51 -2.13 -6.29
N GLY A 74 -15.92 -2.51 -7.50
CA GLY A 74 -15.94 -1.59 -8.63
C GLY A 74 -14.64 -0.85 -8.87
N LYS A 75 -13.54 -1.60 -8.99
CA LYS A 75 -12.21 -1.04 -9.18
C LYS A 75 -11.45 -1.74 -10.32
N LEU A 76 -10.63 -0.97 -11.03
CA LEU A 76 -9.84 -1.49 -12.15
C LEU A 76 -8.36 -1.47 -11.80
N PRO A 77 -7.57 -2.40 -12.37
CA PRO A 77 -7.98 -3.46 -13.29
C PRO A 77 -8.57 -4.65 -12.53
N THR A 78 -9.43 -5.40 -13.22
CA THR A 78 -9.97 -6.63 -12.69
C THR A 78 -9.67 -7.73 -13.70
N LEU A 79 -9.18 -8.86 -13.19
CA LEU A 79 -8.88 -10.01 -14.02
C LEU A 79 -9.92 -11.10 -13.76
N LYS A 80 -10.46 -11.67 -14.84
CA LYS A 80 -11.42 -12.76 -14.75
C LYS A 80 -10.88 -14.00 -15.45
N ASP A 81 -10.69 -15.07 -14.69
CA ASP A 81 -10.17 -16.34 -15.19
C ASP A 81 -11.21 -17.42 -14.94
N GLY A 82 -12.13 -17.60 -15.89
CA GLY A 82 -13.27 -18.48 -15.69
C GLY A 82 -14.07 -17.97 -14.51
N ASP A 83 -14.19 -18.81 -13.47
CA ASP A 83 -14.90 -18.45 -12.25
C ASP A 83 -14.11 -17.49 -11.37
N PHE A 84 -12.79 -17.55 -11.47
CA PHE A 84 -11.91 -16.82 -10.58
C PHE A 84 -11.75 -15.35 -10.98
N ILE A 85 -12.25 -14.46 -10.12
CA ILE A 85 -12.18 -13.01 -10.31
C ILE A 85 -11.17 -12.42 -9.32
N LEU A 86 -10.22 -11.65 -9.84
CA LEU A 86 -9.13 -11.12 -9.03
C LEU A 86 -8.90 -9.62 -9.26
N THR A 87 -8.73 -8.88 -8.16
CA THR A 87 -8.45 -7.45 -8.20
C THR A 87 -7.05 -7.19 -7.61
N GLU A 88 -6.62 -5.92 -7.63
CA GLU A 88 -5.27 -5.47 -7.22
C GLU A 88 -4.18 -5.82 -8.24
N SER A 89 -3.54 -4.79 -8.78
CA SER A 89 -2.55 -4.97 -9.85
C SER A 89 -1.41 -5.87 -9.39
N SER A 90 -0.93 -5.66 -8.16
CA SER A 90 0.15 -6.48 -7.62
C SER A 90 -0.22 -7.97 -7.58
N ALA A 91 -1.42 -8.28 -7.08
CA ALA A 91 -1.92 -9.66 -7.04
C ALA A 91 -2.12 -10.23 -8.44
N ILE A 92 -2.65 -9.41 -9.35
CA ILE A 92 -2.87 -9.80 -10.74
C ILE A 92 -1.52 -10.13 -11.41
N LEU A 93 -0.54 -9.24 -11.25
CA LEU A 93 0.77 -9.43 -11.86
C LEU A 93 1.46 -10.71 -11.39
N ILE A 94 1.44 -10.93 -10.08
CA ILE A 94 2.03 -12.14 -9.50
C ILE A 94 1.30 -13.40 -10.02
N TYR A 95 -0.03 -13.37 -9.99
CA TYR A 95 -0.87 -14.47 -10.49
C TYR A 95 -0.53 -14.85 -11.93
N LEU A 96 -0.50 -13.84 -12.80
CA LEU A 96 -0.18 -14.03 -14.22
C LEU A 96 1.24 -14.57 -14.42
N SER A 97 2.17 -14.10 -13.59
CA SER A 97 3.57 -14.52 -13.69
C SER A 97 3.75 -16.02 -13.35
N CYS A 98 2.93 -16.53 -12.44
CA CYS A 98 3.00 -17.94 -12.04
C CYS A 98 2.18 -18.81 -12.98
N LYS A 99 1.00 -18.32 -13.35
CA LYS A 99 0.11 -19.03 -14.26
C LYS A 99 0.78 -19.25 -15.63
N TYR A 100 1.44 -18.22 -16.13
CA TYR A 100 2.05 -18.27 -17.47
C TYR A 100 3.56 -18.44 -17.44
N GLN A 101 4.10 -18.62 -16.25
CA GLN A 101 5.52 -18.92 -16.05
C GLN A 101 6.41 -18.01 -16.88
N THR A 102 6.24 -16.71 -16.67
CA THR A 102 6.99 -15.67 -17.37
C THR A 102 8.46 -15.69 -16.96
N PRO A 103 9.36 -15.05 -17.75
CA PRO A 103 10.78 -15.13 -17.39
C PRO A 103 11.04 -14.74 -15.92
N ASP A 104 11.86 -15.56 -15.25
CA ASP A 104 12.12 -15.44 -13.82
C ASP A 104 12.37 -14.01 -13.33
N HIS A 105 13.02 -13.21 -14.13
CA HIS A 105 13.48 -11.92 -13.70
C HIS A 105 12.37 -10.95 -13.29
N TRP A 106 11.20 -11.11 -13.87
CA TRP A 106 10.10 -10.26 -13.53
C TRP A 106 9.77 -10.39 -12.06
N TYR A 107 9.80 -11.61 -11.56
CA TYR A 107 9.45 -11.94 -10.21
C TYR A 107 10.35 -13.05 -9.71
N PRO A 108 11.63 -12.64 -9.31
CA PRO A 108 12.57 -13.76 -9.12
C PRO A 108 12.24 -14.75 -8.04
N SER A 109 12.54 -16.02 -8.25
CA SER A 109 12.25 -16.99 -7.20
C SER A 109 13.29 -16.96 -6.07
N ASP A 110 14.45 -16.37 -6.34
CA ASP A 110 15.46 -16.18 -5.30
C ASP A 110 14.85 -15.43 -4.12
N LEU A 111 15.09 -15.96 -2.93
CA LEU A 111 14.46 -15.48 -1.68
C LEU A 111 14.65 -13.98 -1.43
N GLN A 112 15.87 -13.50 -1.57
CA GLN A 112 16.16 -12.09 -1.31
C GLN A 112 15.82 -11.20 -2.50
N ALA A 113 15.99 -11.72 -3.71
CA ALA A 113 15.57 -10.98 -4.91
C ALA A 113 14.07 -10.76 -4.87
N ARG A 114 13.32 -11.80 -4.51
CA ARG A 114 11.86 -11.67 -4.38
C ARG A 114 11.45 -10.73 -3.27
N ALA A 115 12.11 -10.84 -2.11
CA ALA A 115 11.83 -9.94 -0.98
C ALA A 115 12.01 -8.45 -1.36
N ARG A 116 13.03 -8.16 -2.16
CA ARG A 116 13.25 -6.80 -2.67
C ARG A 116 12.07 -6.33 -3.53
N VAL A 117 11.48 -7.24 -4.30
CA VAL A 117 10.32 -6.88 -5.10
C VAL A 117 9.13 -6.56 -4.20
N HIS A 118 8.84 -7.45 -3.25
CA HIS A 118 7.76 -7.23 -2.29
C HIS A 118 7.96 -5.96 -1.48
N GLU A 119 9.21 -5.70 -1.08
CA GLU A 119 9.55 -4.51 -0.32
C GLU A 119 9.21 -3.25 -1.10
N TYR A 120 9.59 -3.20 -2.37
CA TYR A 120 9.25 -2.04 -3.18
C TYR A 120 7.73 -1.90 -3.32
N LEU A 121 7.04 -3.01 -3.59
CA LEU A 121 5.60 -2.99 -3.83
C LEU A 121 4.84 -2.44 -2.62
N GLY A 122 5.29 -2.83 -1.42
CA GLY A 122 4.71 -2.36 -0.17
C GLY A 122 4.96 -0.89 0.06
N TRP A 123 6.19 -0.46 -0.17
CA TRP A 123 6.53 0.96 -0.08
C TRP A 123 5.77 1.78 -1.11
N HIS A 124 5.65 1.23 -2.33
CA HIS A 124 4.92 1.86 -3.43
C HIS A 124 3.47 2.15 -3.06
N ALA A 125 2.81 1.16 -2.46
CA ALA A 125 1.40 1.30 -2.04
C ALA A 125 1.22 2.41 -1.02
N ASP A 126 2.24 2.63 -0.22
CA ASP A 126 2.20 3.64 0.81
C ASP A 126 2.61 5.04 0.31
N CYS A 127 3.65 5.12 -0.52
CA CYS A 127 4.27 6.41 -0.85
C CYS A 127 4.07 6.89 -2.29
N ILE A 128 3.69 5.99 -3.19
CA ILE A 128 3.54 6.34 -4.60
C ILE A 128 2.06 6.35 -4.99
N ARG A 129 1.44 5.18 -4.86
CA ARG A 129 0.02 4.94 -5.07
C ARG A 129 -0.76 5.95 -4.22
N GLY A 130 -1.61 6.76 -4.86
CA GLY A 130 -2.42 7.71 -4.11
C GLY A 130 -1.81 9.09 -3.95
N THR A 131 -0.55 9.24 -4.37
CA THR A 131 0.16 10.51 -4.28
C THR A 131 0.44 11.02 -5.68
N PHE A 132 0.93 10.13 -6.54
CA PHE A 132 1.31 10.54 -7.90
C PHE A 132 0.12 10.74 -8.84
N GLY A 133 -1.03 10.16 -8.49
CA GLY A 133 -2.26 10.34 -9.28
C GLY A 133 -2.93 11.68 -9.08
N ILE A 134 -2.55 12.38 -8.01
CA ILE A 134 -3.25 13.60 -7.60
C ILE A 134 -3.36 14.72 -8.67
N PRO A 135 -2.29 14.98 -9.46
CA PRO A 135 -2.39 16.01 -10.52
C PRO A 135 -3.53 15.82 -11.53
N LEU A 136 -3.96 14.58 -11.78
CA LEU A 136 -5.09 14.34 -12.69
C LEU A 136 -6.37 14.88 -12.07
N TRP A 137 -6.48 14.71 -10.75
CA TRP A 137 -7.64 15.21 -10.02
C TRP A 137 -7.62 16.73 -9.95
N VAL A 138 -6.42 17.28 -9.77
CA VAL A 138 -6.26 18.74 -9.70
C VAL A 138 -6.61 19.39 -11.03
N GLN A 139 -6.07 18.85 -12.11
CA GLN A 139 -6.10 19.55 -13.39
C GLN A 139 -7.29 19.17 -14.24
N VAL A 140 -7.76 17.95 -14.13
CA VAL A 140 -8.81 17.46 -15.03
C VAL A 140 -10.10 17.05 -14.28
N LEU A 141 -9.99 16.03 -13.44
CA LEU A 141 -11.17 15.34 -12.91
C LEU A 141 -12.00 16.18 -11.94
N GLY A 142 -11.33 16.89 -11.04
CA GLY A 142 -12.01 17.84 -10.16
C GLY A 142 -12.78 18.88 -10.95
N PRO A 143 -12.08 19.70 -11.78
CA PRO A 143 -12.74 20.72 -12.61
C PRO A 143 -13.90 20.17 -13.44
N LEU A 144 -13.77 18.92 -13.90
CA LEU A 144 -14.82 18.28 -14.68
C LEU A 144 -16.15 18.29 -13.95
N ILE A 145 -16.12 18.18 -12.62
CA ILE A 145 -17.37 18.17 -11.83
C ILE A 145 -17.54 19.39 -10.92
N GLY A 146 -16.80 20.46 -11.24
CA GLY A 146 -16.96 21.74 -10.56
C GLY A 146 -16.16 21.88 -9.27
N VAL A 147 -15.20 20.99 -9.05
CA VAL A 147 -14.46 21.01 -7.78
C VAL A 147 -12.99 21.38 -7.99
N GLN A 148 -12.56 22.47 -7.35
CA GLN A 148 -11.15 22.84 -7.35
C GLN A 148 -10.45 22.19 -6.17
N VAL A 149 -9.22 21.72 -6.40
CA VAL A 149 -8.38 21.26 -5.30
C VAL A 149 -7.64 22.49 -4.76
N PRO A 150 -7.77 22.77 -3.45
CA PRO A 150 -7.10 23.96 -2.88
C PRO A 150 -5.60 23.97 -3.14
N LYS A 151 -5.04 25.17 -3.39
CA LYS A 151 -3.63 25.34 -3.69
C LYS A 151 -2.71 24.71 -2.64
N GLU A 152 -3.09 24.82 -1.37
CA GLU A 152 -2.29 24.28 -0.27
C GLU A 152 -2.09 22.77 -0.42
N LYS A 153 -3.13 22.07 -0.89
CA LYS A 153 -3.03 20.63 -1.12
C LYS A 153 -2.16 20.33 -2.33
N VAL A 154 -2.26 21.18 -3.36
CA VAL A 154 -1.47 21.01 -4.58
C VAL A 154 0.02 21.13 -4.26
N GLU A 155 0.37 22.12 -3.45
CA GLU A 155 1.75 22.34 -3.04
CA GLU A 155 1.75 22.36 -3.01
C GLU A 155 2.26 21.24 -2.11
N ARG A 156 1.40 20.78 -1.19
CA ARG A 156 1.77 19.68 -0.30
C ARG A 156 2.03 18.42 -1.14
N ASN A 157 1.17 18.17 -2.12
CA ASN A 157 1.33 17.03 -3.02
C ASN A 157 2.64 17.08 -3.83
N ARG A 158 2.97 18.26 -4.36
CA ARG A 158 4.22 18.47 -5.10
CA ARG A 158 4.20 18.44 -5.11
C ARG A 158 5.44 18.12 -4.25
N THR A 159 5.43 18.59 -2.99
CA THR A 159 6.51 18.30 -2.04
C THR A 159 6.60 16.81 -1.74
N ALA A 160 5.43 16.17 -1.63
CA ALA A 160 5.35 14.74 -1.32
C ALA A 160 5.90 13.91 -2.49
N MET A 161 5.53 14.29 -3.71
CA MET A 161 6.10 13.66 -4.90
C MET A 161 7.63 13.77 -4.92
N ASP A 162 8.14 14.99 -4.72
CA ASP A 162 9.59 15.23 -4.72
C ASP A 162 10.33 14.43 -3.66
N GLN A 163 9.77 14.37 -2.45
CA GLN A 163 10.33 13.50 -1.41
C GLN A 163 10.32 12.01 -1.81
N ALA A 164 9.22 11.54 -2.39
CA ALA A 164 9.12 10.14 -2.82
C ALA A 164 10.12 9.83 -3.95
N LEU A 165 10.30 10.78 -4.86
CA LEU A 165 11.28 10.62 -5.95
C LEU A 165 12.69 10.50 -5.41
N GLN A 166 12.99 11.30 -4.39
CA GLN A 166 14.27 11.25 -3.72
C GLN A 166 14.57 9.87 -3.10
N TRP A 167 13.58 9.28 -2.43
CA TRP A 167 13.73 7.91 -1.90
C TRP A 167 13.92 6.87 -3.01
N LEU A 168 13.19 7.05 -4.10
CA LEU A 168 13.30 6.20 -5.27
C LEU A 168 14.75 6.19 -5.79
N GLU A 169 15.37 7.38 -5.85
CA GLU A 169 16.75 7.50 -6.33
C GLU A 169 17.80 7.02 -5.34
N ASP A 170 17.66 7.44 -4.07
CA ASP A 170 18.67 7.18 -3.05
C ASP A 170 18.57 5.78 -2.46
N LYS A 171 17.36 5.38 -2.12
CA LYS A 171 17.14 4.11 -1.43
C LYS A 171 16.93 2.89 -2.37
N PHE A 172 16.03 3.01 -3.34
CA PHE A 172 15.72 1.85 -4.19
C PHE A 172 16.67 1.65 -5.37
N LEU A 173 16.77 2.64 -6.26
CA LEU A 173 17.74 2.59 -7.36
C LEU A 173 19.18 2.54 -6.87
N GLY A 174 19.56 3.55 -6.08
CA GLY A 174 20.96 3.73 -5.70
C GLY A 174 21.75 3.92 -6.98
N ASP A 175 22.84 3.19 -7.14
CA ASP A 175 23.57 3.19 -8.40
C ASP A 175 23.30 1.92 -9.21
N ARG A 176 22.23 1.20 -8.86
CA ARG A 176 21.79 0.00 -9.58
C ARG A 176 20.89 0.39 -10.77
N PRO A 177 20.76 -0.51 -11.77
CA PRO A 177 20.00 -0.11 -12.96
C PRO A 177 18.48 -0.05 -12.76
N PHE A 178 17.94 -0.88 -11.88
CA PHE A 178 16.49 -0.95 -11.67
C PHE A 178 16.12 -0.89 -10.18
N LEU A 179 14.82 -0.83 -9.89
CA LEU A 179 14.36 -0.53 -8.54
C LEU A 179 14.61 -1.63 -7.53
N ALA A 180 14.56 -2.89 -7.98
CA ALA A 180 14.74 -4.03 -7.07
C ALA A 180 15.88 -4.95 -7.52
N GLY A 181 16.87 -4.39 -8.21
CA GLY A 181 18.05 -5.15 -8.57
C GLY A 181 18.61 -4.84 -9.94
N GLN A 182 19.18 -5.88 -10.56
CA GLN A 182 19.92 -5.76 -11.82
C GLN A 182 19.04 -5.88 -13.06
N GLN A 183 17.80 -6.33 -12.87
CA GLN A 183 16.87 -6.51 -13.98
C GLN A 183 15.50 -5.91 -13.72
N VAL A 184 14.78 -5.63 -14.81
CA VAL A 184 13.40 -5.17 -14.75
C VAL A 184 12.54 -6.19 -14.00
N THR A 185 11.84 -5.71 -12.98
CA THR A 185 10.87 -6.52 -12.24
C THR A 185 9.50 -5.84 -12.27
N LEU A 186 8.49 -6.52 -11.73
CA LEU A 186 7.17 -5.94 -11.50
C LEU A 186 7.23 -4.54 -10.87
N ALA A 187 8.22 -4.34 -10.00
CA ALA A 187 8.42 -3.07 -9.29
C ALA A 187 8.62 -1.89 -10.24
N ASP A 188 9.44 -2.08 -11.26
CA ASP A 188 9.71 -1.02 -12.24
C ASP A 188 8.46 -0.66 -13.04
N LEU A 189 7.66 -1.66 -13.40
CA LEU A 189 6.38 -1.46 -14.11
C LEU A 189 5.40 -0.57 -13.37
N MET A 190 5.18 -0.87 -12.10
CA MET A 190 4.24 -0.10 -11.29
C MET A 190 4.74 1.31 -11.07
N ALA A 191 6.01 1.43 -10.71
CA ALA A 191 6.64 2.73 -10.49
C ALA A 191 6.49 3.59 -11.73
N LEU A 192 6.94 3.08 -12.89
CA LEU A 192 6.89 3.86 -14.12
C LEU A 192 5.47 4.35 -14.46
N GLU A 193 4.49 3.47 -14.31
CA GLU A 193 3.13 3.83 -14.69
C GLU A 193 2.51 4.87 -13.75
N GLU A 194 2.93 4.86 -12.48
CA GLU A 194 2.54 5.92 -11.57
C GLU A 194 3.23 7.25 -11.90
N LEU A 195 4.52 7.17 -12.21
CA LEU A 195 5.28 8.40 -12.50
C LEU A 195 4.81 9.05 -13.81
N MET A 196 4.33 8.23 -14.76
CA MET A 196 3.79 8.72 -16.03
C MET A 196 2.58 9.65 -15.86
N GLN A 197 1.82 9.47 -14.78
CA GLN A 197 0.59 10.24 -14.59
C GLN A 197 0.86 11.76 -14.49
N PRO A 198 1.77 12.19 -13.58
CA PRO A 198 2.09 13.62 -13.55
C PRO A 198 2.83 14.10 -14.80
N VAL A 199 3.72 13.26 -15.34
CA VAL A 199 4.45 13.59 -16.56
C VAL A 199 3.47 13.95 -17.67
N ALA A 200 2.47 13.08 -17.87
CA ALA A 200 1.45 13.28 -18.88
C ALA A 200 0.63 14.54 -18.65
N LEU A 201 0.73 15.10 -17.44
CA LEU A 201 -0.02 16.31 -17.11
C LEU A 201 0.87 17.55 -17.02
N GLY A 202 2.10 17.43 -17.50
CA GLY A 202 2.99 18.58 -17.62
C GLY A 202 4.02 18.73 -16.51
N TYR A 203 3.97 17.86 -15.50
CA TYR A 203 5.03 17.80 -14.48
C TYR A 203 6.22 17.03 -15.08
N GLU A 204 7.24 17.75 -15.54
CA GLU A 204 8.42 17.11 -16.11
C GLU A 204 9.40 16.71 -15.01
N LEU A 205 9.03 15.66 -14.27
CA LEU A 205 9.69 15.29 -13.01
C LEU A 205 11.00 14.50 -13.17
N PHE A 206 11.30 14.05 -14.39
CA PHE A 206 12.61 13.43 -14.67
C PHE A 206 13.70 14.47 -14.94
N GLU A 207 13.32 15.75 -15.03
CA GLU A 207 14.30 16.83 -15.17
C GLU A 207 15.11 17.01 -13.90
N GLY A 208 16.42 17.19 -14.06
N GLY A 208 16.42 17.19 -14.06
CA GLY A 208 17.33 17.40 -12.93
CA GLY A 208 17.34 17.34 -12.92
C GLY A 208 17.59 16.16 -12.09
C GLY A 208 17.46 16.08 -12.08
N ARG A 209 16.97 15.05 -12.45
N ARG A 209 17.02 14.95 -12.63
CA ARG A 209 17.14 13.80 -11.70
CA ARG A 209 17.09 13.70 -11.91
C ARG A 209 17.73 12.71 -12.59
C ARG A 209 17.74 12.60 -12.76
N PRO A 210 19.03 12.81 -12.91
N PRO A 210 19.06 12.76 -13.01
CA PRO A 210 19.70 11.91 -13.86
CA PRO A 210 19.79 11.86 -13.92
C PRO A 210 19.44 10.42 -13.63
C PRO A 210 19.57 10.38 -13.65
N ARG A 211 19.60 9.96 -12.38
CA ARG A 211 19.37 8.54 -12.04
C ARG A 211 17.99 8.06 -12.41
N LEU A 212 16.97 8.87 -12.11
CA LEU A 212 15.59 8.57 -12.48
C LEU A 212 15.37 8.59 -14.00
N ALA A 213 15.97 9.57 -14.67
CA ALA A 213 15.85 9.70 -16.13
C ALA A 213 16.49 8.50 -16.82
N ALA A 214 17.67 8.10 -16.34
CA ALA A 214 18.36 6.94 -16.87
C ALA A 214 17.54 5.66 -16.65
N TRP A 215 16.97 5.53 -15.45
CA TRP A 215 16.12 4.38 -15.10
C TRP A 215 14.92 4.26 -16.06
N ARG A 216 14.25 5.38 -16.29
CA ARG A 216 13.12 5.41 -17.22
C ARG A 216 13.57 4.94 -18.61
N GLY A 217 14.71 5.48 -19.07
CA GLY A 217 15.29 5.10 -20.36
C GLY A 217 15.53 3.62 -20.44
N ARG A 218 16.09 3.05 -19.37
CA ARG A 218 16.32 1.60 -19.29
C ARG A 218 15.04 0.79 -19.37
N VAL A 219 14.00 1.19 -18.63
CA VAL A 219 12.75 0.44 -18.58
C VAL A 219 12.04 0.54 -19.93
N GLU A 220 11.95 1.75 -20.46
CA GLU A 220 11.29 1.99 -21.75
C GLU A 220 12.00 1.32 -22.92
N ALA A 221 13.33 1.24 -22.87
CA ALA A 221 14.09 0.52 -23.90
C ALA A 221 13.80 -0.98 -23.84
N PHE A 222 13.69 -1.52 -22.64
CA PHE A 222 13.34 -2.94 -22.50
C PHE A 222 11.92 -3.23 -23.03
N LEU A 223 10.97 -2.35 -22.74
CA LEU A 223 9.59 -2.57 -23.15
C LEU A 223 9.39 -2.38 -24.65
N GLY A 224 10.11 -1.42 -25.23
CA GLY A 224 9.99 -1.10 -26.64
C GLY A 224 9.13 0.14 -26.83
N ALA A 225 9.47 0.92 -27.85
CA ALA A 225 8.81 2.19 -28.13
C ALA A 225 7.32 2.04 -28.45
N GLU A 226 6.97 0.98 -29.18
CA GLU A 226 5.57 0.78 -29.59
C GLU A 226 4.64 0.42 -28.45
N LEU A 227 5.08 -0.50 -27.59
CA LEU A 227 4.31 -0.88 -26.41
C LEU A 227 4.13 0.31 -25.48
N CYS A 228 5.19 1.06 -25.23
CA CYS A 228 5.13 2.29 -24.43
C CYS A 228 4.15 3.28 -25.00
N GLN A 229 4.27 3.55 -26.30
CA GLN A 229 3.37 4.45 -27.01
C GLN A 229 1.91 4.03 -26.85
N GLU A 230 1.64 2.73 -27.03
CA GLU A 230 0.30 2.17 -26.90
C GLU A 230 -0.25 2.29 -25.49
N ALA A 231 0.60 2.01 -24.50
CA ALA A 231 0.18 2.06 -23.11
C ALA A 231 -0.13 3.49 -22.66
N HIS A 232 0.68 4.43 -23.13
CA HIS A 232 0.65 5.82 -22.64
C HIS A 232 -0.23 6.77 -23.46
N SER A 233 -0.70 6.32 -24.62
CA SER A 233 -1.46 7.15 -25.56
CA SER A 233 -1.44 7.19 -25.55
C SER A 233 -2.64 7.88 -24.91
N ILE A 234 -3.47 7.12 -24.17
CA ILE A 234 -4.65 7.69 -23.52
C ILE A 234 -4.29 8.77 -22.50
N ILE A 235 -3.45 8.44 -21.52
CA ILE A 235 -3.06 9.45 -20.53
C ILE A 235 -2.34 10.65 -21.16
N LEU A 236 -1.55 10.39 -22.20
CA LEU A 236 -0.84 11.47 -22.88
C LEU A 236 -1.73 12.42 -23.67
N SER A 237 -2.99 12.03 -23.91
CA SER A 237 -3.93 12.90 -24.63
C SER A 237 -5.02 13.50 -23.74
N ILE A 238 -4.97 13.22 -22.44
CA ILE A 238 -6.06 13.60 -21.52
C ILE A 238 -6.19 15.12 -21.25
N LEU A 239 -5.07 15.83 -21.16
CA LEU A 239 -5.10 17.29 -20.98
C LEU A 239 -5.81 17.97 -22.15
N GLU A 240 -5.43 17.58 -23.36
CA GLU A 240 -6.03 18.11 -24.58
C GLU A 240 -7.54 17.83 -24.67
N GLN A 241 -7.93 16.61 -24.29
CA GLN A 241 -9.34 16.24 -24.21
C GLN A 241 -10.11 17.11 -23.21
N ALA A 242 -9.47 17.40 -22.07
CA ALA A 242 -10.07 18.27 -21.05
C ALA A 242 -10.21 19.70 -21.55
N ALA A 243 -9.14 20.21 -22.18
CA ALA A 243 -9.16 21.56 -22.76
C ALA A 243 -10.24 21.70 -23.83
N LYS A 244 -10.35 20.69 -24.70
CA LYS A 244 -11.34 20.70 -25.77
C LYS A 244 -12.74 20.26 -25.30
N LYS A 245 -12.86 19.90 -24.03
CA LYS A 245 -14.15 19.56 -23.40
C LYS A 245 -14.86 18.35 -24.02
N THR A 246 -14.08 17.35 -24.42
CA THR A 246 -14.63 16.15 -25.06
C THR A 246 -14.65 14.95 -24.12
N LEU A 247 -14.44 15.18 -22.83
CA LEU A 247 -14.51 14.11 -21.85
C LEU A 247 -15.97 13.78 -21.52
N PRO A 248 -16.28 12.50 -21.24
CA PRO A 248 -17.66 12.13 -20.89
C PRO A 248 -18.11 12.79 -19.60
N THR A 249 -19.41 13.03 -19.47
CA THR A 249 -19.99 13.47 -18.20
C THR A 249 -20.07 12.27 -17.26
N PRO A 250 -19.51 12.42 -16.05
CA PRO A 250 -19.58 11.31 -15.09
C PRO A 250 -21.01 10.96 -14.67
N SER A 251 -21.30 9.67 -14.54
CA SER A 251 -22.55 9.19 -13.95
C SER A 251 -22.63 9.67 -12.50
N PRO A 252 -23.83 9.62 -11.88
CA PRO A 252 -23.93 10.04 -10.47
C PRO A 252 -23.06 9.21 -9.55
N GLU A 253 -22.91 7.93 -9.87
CA GLU A 253 -22.07 6.99 -9.09
C GLU A 253 -20.59 7.35 -9.21
N ALA A 254 -20.14 7.65 -10.42
CA ALA A 254 -18.79 8.13 -10.64
C ALA A 254 -18.58 9.42 -9.87
N TYR A 255 -19.53 10.34 -10.01
CA TYR A 255 -19.52 11.62 -9.29
C TYR A 255 -19.31 11.45 -7.77
N GLN A 256 -20.10 10.56 -7.17
CA GLN A 256 -19.97 10.24 -5.74
C GLN A 256 -18.58 9.77 -5.36
N ALA A 257 -18.03 8.84 -6.14
CA ALA A 257 -16.70 8.29 -5.89
C ALA A 257 -15.62 9.35 -6.10
N MET A 258 -15.84 10.23 -7.08
CA MET A 258 -14.89 11.30 -7.39
C MET A 258 -14.79 12.29 -6.23
N LEU A 259 -15.95 12.67 -5.67
CA LEU A 259 -15.99 13.57 -4.53
C LEU A 259 -15.28 12.95 -3.33
N LEU A 260 -15.45 11.65 -3.13
CA LEU A 260 -14.82 10.94 -2.02
C LEU A 260 -13.30 10.90 -2.20
N ARG A 261 -12.85 10.60 -3.41
CA ARG A 261 -11.41 10.62 -3.71
C ARG A 261 -10.80 12.01 -3.55
N ILE A 262 -11.45 13.04 -4.08
CA ILE A 262 -10.97 14.42 -3.91
C ILE A 262 -10.87 14.79 -2.43
N ALA A 263 -11.85 14.37 -1.63
CA ALA A 263 -11.84 14.71 -0.20
C ALA A 263 -10.77 13.95 0.60
N ARG A 264 -10.18 12.92 0.01
CA ARG A 264 -9.07 12.24 0.67
CA ARG A 264 -9.07 12.16 0.56
C ARG A 264 -7.70 12.79 0.23
N ILE A 265 -7.70 13.87 -0.57
CA ILE A 265 -6.45 14.58 -0.84
C ILE A 265 -6.18 15.43 0.41
N PRO A 266 -4.99 15.29 1.03
CA PRO A 266 -4.73 16.00 2.30
C PRO A 266 -4.27 17.44 2.12
N TYR B 19 22.76 -0.80 17.33
CA TYR B 19 24.14 -0.79 16.78
C TYR B 19 24.78 -2.15 16.90
N PHE B 20 24.67 -2.76 18.09
CA PHE B 20 25.23 -4.09 18.30
C PHE B 20 24.21 -5.17 17.97
N GLN B 21 24.72 -6.29 17.45
CA GLN B 21 23.88 -7.37 16.93
C GLN B 21 23.98 -8.66 17.76
N SER B 22 22.95 -9.49 17.63
CA SER B 22 22.97 -10.86 18.12
C SER B 22 23.51 -11.77 17.01
N MET B 23 23.77 -13.04 17.35
CA MET B 23 24.37 -14.02 16.43
C MET B 23 23.61 -14.31 15.13
N GLY B 24 22.29 -14.14 15.15
CA GLY B 24 21.46 -14.41 13.98
C GLY B 24 20.46 -13.32 13.66
N LEU B 25 19.22 -13.74 13.43
CA LEU B 25 18.15 -12.87 12.94
C LEU B 25 17.70 -11.80 13.95
N GLU B 26 17.74 -10.53 13.53
CA GLU B 26 17.29 -9.41 14.35
C GLU B 26 16.01 -8.81 13.78
N LEU B 27 15.05 -8.50 14.65
CA LEU B 27 13.86 -7.73 14.26
C LEU B 27 13.78 -6.44 15.07
N PHE B 28 13.86 -5.32 14.35
CA PHE B 28 13.75 -4.01 14.95
C PHE B 28 12.28 -3.59 14.89
N LEU B 29 11.69 -3.33 16.04
CA LEU B 29 10.25 -3.12 16.13
C LEU B 29 9.85 -2.26 17.32
N ASP B 30 8.59 -1.80 17.29
CA ASP B 30 7.94 -1.17 18.43
C ASP B 30 6.50 -1.66 18.44
N LEU B 31 6.06 -2.26 19.54
CA LEU B 31 4.73 -2.86 19.60
C LEU B 31 3.57 -1.85 19.62
N VAL B 32 3.88 -0.55 19.64
CA VAL B 32 2.87 0.50 19.41
C VAL B 32 2.45 0.52 17.93
N SER B 33 3.34 0.05 17.06
CA SER B 33 3.13 0.00 15.60
C SER B 33 2.46 -1.29 15.15
N GLN B 34 1.41 -1.15 14.33
CA GLN B 34 0.58 -2.26 13.85
C GLN B 34 1.37 -3.31 13.06
N PRO B 35 2.16 -2.90 12.04
CA PRO B 35 2.94 -3.91 11.29
C PRO B 35 4.06 -4.56 12.11
N SER B 36 4.60 -3.86 13.10
CA SER B 36 5.52 -4.48 14.06
C SER B 36 4.83 -5.62 14.82
N ARG B 37 3.59 -5.38 15.27
CA ARG B 37 2.84 -6.40 16.02
C ARG B 37 2.52 -7.60 15.14
N ALA B 38 2.20 -7.35 13.87
CA ALA B 38 1.91 -8.43 12.91
C ALA B 38 3.10 -9.38 12.73
N VAL B 39 4.30 -8.80 12.55
CA VAL B 39 5.51 -9.61 12.39
C VAL B 39 5.89 -10.32 13.69
N TYR B 40 5.80 -9.60 14.80
CA TYR B 40 6.01 -10.15 16.14
C TYR B 40 5.18 -11.41 16.34
N ILE B 41 3.87 -11.29 16.11
CA ILE B 41 2.94 -12.40 16.28
C ILE B 41 3.30 -13.58 15.37
N PHE B 42 3.61 -13.29 14.11
CA PHE B 42 3.94 -14.35 13.15
C PHE B 42 5.18 -15.14 13.58
N ALA B 43 6.22 -14.42 14.02
CA ALA B 43 7.46 -15.06 14.46
C ALA B 43 7.25 -15.85 15.74
N LYS B 44 6.48 -15.29 16.68
CA LYS B 44 6.23 -15.95 17.96
C LYS B 44 5.37 -17.20 17.75
N LYS B 45 4.27 -17.06 17.02
CA LYS B 45 3.40 -18.19 16.75
C LYS B 45 4.14 -19.35 16.07
N ASN B 46 5.03 -19.05 15.13
CA ASN B 46 5.78 -20.09 14.41
C ASN B 46 7.08 -20.53 15.10
N GLY B 47 7.37 -19.92 16.25
CA GLY B 47 8.60 -20.21 16.99
C GLY B 47 9.83 -19.95 16.14
N ILE B 48 9.77 -18.87 15.35
CA ILE B 48 10.90 -18.43 14.54
C ILE B 48 11.89 -17.74 15.46
N PRO B 49 13.11 -18.30 15.61
CA PRO B 49 14.11 -17.71 16.49
C PRO B 49 14.57 -16.35 15.98
N LEU B 50 14.22 -15.31 16.74
CA LEU B 50 14.40 -13.92 16.32
C LEU B 50 14.80 -13.05 17.51
N GLU B 51 15.90 -12.33 17.38
CA GLU B 51 16.32 -11.38 18.40
C GLU B 51 15.55 -10.08 18.24
N LEU B 52 14.72 -9.78 19.22
CA LEU B 52 13.93 -8.55 19.22
C LEU B 52 14.77 -7.35 19.65
N ARG B 53 14.74 -6.30 18.85
CA ARG B 53 15.41 -5.05 19.19
C ARG B 53 14.36 -3.94 19.19
N THR B 54 14.07 -3.40 20.38
CA THR B 54 13.07 -2.34 20.50
CA THR B 54 13.08 -2.35 20.52
C THR B 54 13.65 -1.02 20.04
N VAL B 55 12.90 -0.34 19.18
CA VAL B 55 13.25 0.97 18.66
C VAL B 55 12.04 1.86 18.97
N ASP B 56 12.22 2.81 19.87
CA ASP B 56 11.13 3.60 20.43
C ASP B 56 10.66 4.71 19.48
N LEU B 57 9.49 4.49 18.88
CA LEU B 57 8.92 5.42 17.89
C LEU B 57 8.59 6.80 18.44
N VAL B 58 7.93 6.83 19.58
CA VAL B 58 7.50 8.10 20.16
C VAL B 58 8.71 8.95 20.52
N LYS B 59 9.76 8.31 21.04
CA LYS B 59 11.00 8.99 21.39
C LYS B 59 11.73 9.45 20.13
N GLY B 60 11.51 8.73 19.04
CA GLY B 60 12.11 9.06 17.74
C GLY B 60 13.35 8.26 17.38
N GLN B 61 13.53 7.11 18.02
CA GLN B 61 14.75 6.33 17.83
C GLN B 61 14.89 5.72 16.42
N HIS B 62 13.77 5.61 15.72
CA HIS B 62 13.76 5.18 14.32
C HIS B 62 14.35 6.24 13.39
N LYS B 63 14.46 7.47 13.88
CA LYS B 63 15.07 8.55 13.11
C LYS B 63 16.45 8.89 13.65
N SER B 64 16.97 8.05 14.54
CA SER B 64 18.31 8.26 15.09
C SER B 64 19.37 7.88 14.07
N LYS B 65 20.55 8.50 14.21
CA LYS B 65 21.72 8.18 13.41
C LYS B 65 22.01 6.70 13.41
N GLU B 66 21.97 6.07 14.59
CA GLU B 66 22.25 4.64 14.70
C GLU B 66 21.25 3.82 13.90
N PHE B 67 19.97 4.15 13.98
CA PHE B 67 18.98 3.37 13.27
C PHE B 67 19.02 3.59 11.77
N LEU B 68 19.22 4.84 11.35
CA LEU B 68 19.30 5.16 9.92
C LEU B 68 20.47 4.48 9.22
N GLN B 69 21.52 4.18 9.99
CA GLN B 69 22.66 3.38 9.52
C GLN B 69 22.23 1.97 9.11
N ILE B 70 21.22 1.45 9.81
CA ILE B 70 20.67 0.12 9.53
C ILE B 70 19.63 0.20 8.41
N ASN B 71 18.69 1.14 8.54
CA ASN B 71 17.61 1.33 7.56
C ASN B 71 17.42 2.82 7.29
N SER B 72 17.87 3.26 6.12
CA SER B 72 17.85 4.69 5.73
C SER B 72 16.45 5.26 5.64
N LEU B 73 15.45 4.39 5.47
CA LEU B 73 14.03 4.80 5.50
C LEU B 73 13.56 5.16 6.89
N GLY B 74 14.17 4.54 7.90
CA GLY B 74 13.81 4.83 9.29
C GLY B 74 12.37 4.50 9.60
N LYS B 75 11.97 3.29 9.26
CA LYS B 75 10.63 2.80 9.54
CA LYS B 75 10.62 2.78 9.50
C LYS B 75 10.68 1.41 10.17
N LEU B 76 9.65 1.09 10.95
CA LEU B 76 9.54 -0.18 11.63
C LEU B 76 8.34 -0.94 11.07
N PRO B 77 8.39 -2.29 11.08
CA PRO B 77 9.52 -3.11 11.50
C PRO B 77 10.60 -3.24 10.43
N THR B 78 11.82 -3.54 10.87
CA THR B 78 12.94 -3.81 9.98
C THR B 78 13.58 -5.15 10.36
N LEU B 79 13.74 -6.02 9.37
CA LEU B 79 14.40 -7.31 9.59
C LEU B 79 15.85 -7.25 9.12
N LYS B 80 16.75 -7.74 9.96
CA LYS B 80 18.15 -7.86 9.59
C LYS B 80 18.54 -9.33 9.62
N ASP B 81 18.92 -9.85 8.46
CA ASP B 81 19.35 -11.23 8.33
C ASP B 81 20.75 -11.22 7.77
N GLY B 82 21.74 -11.14 8.67
CA GLY B 82 23.13 -10.97 8.26
C GLY B 82 23.29 -9.62 7.59
N ASP B 83 23.82 -9.62 6.38
CA ASP B 83 23.97 -8.43 5.54
C ASP B 83 22.63 -7.94 5.02
N PHE B 84 21.65 -8.84 4.96
CA PHE B 84 20.38 -8.57 4.32
C PHE B 84 19.38 -7.85 5.23
N ILE B 85 19.17 -6.57 4.94
CA ILE B 85 18.22 -5.74 5.69
C ILE B 85 16.95 -5.53 4.87
N LEU B 86 15.79 -5.84 5.46
CA LEU B 86 14.50 -5.83 4.76
C LEU B 86 13.41 -5.06 5.50
N THR B 87 12.64 -4.25 4.77
CA THR B 87 11.51 -3.51 5.35
C THR B 87 10.18 -3.96 4.74
N GLU B 88 9.09 -3.38 5.25
CA GLU B 88 7.71 -3.70 4.86
C GLU B 88 7.26 -5.03 5.46
N SER B 89 6.25 -4.95 6.33
CA SER B 89 5.73 -6.12 7.02
C SER B 89 5.34 -7.26 6.09
N SER B 90 4.68 -6.94 4.96
CA SER B 90 4.24 -7.98 4.04
C SER B 90 5.44 -8.71 3.46
N ALA B 91 6.44 -7.94 3.02
CA ALA B 91 7.69 -8.50 2.52
C ALA B 91 8.38 -9.33 3.61
N ILE B 92 8.43 -8.79 4.83
CA ILE B 92 9.09 -9.50 5.94
C ILE B 92 8.37 -10.82 6.23
N LEU B 93 7.04 -10.74 6.38
CA LEU B 93 6.21 -11.93 6.60
C LEU B 93 6.40 -13.03 5.56
N ILE B 94 6.43 -12.66 4.28
CA ILE B 94 6.58 -13.63 3.19
C ILE B 94 7.97 -14.26 3.23
N TYR B 95 8.97 -13.41 3.45
CA TYR B 95 10.36 -13.86 3.56
C TYR B 95 10.54 -14.92 4.65
N LEU B 96 10.04 -14.62 5.85
CA LEU B 96 10.15 -15.52 6.99
C LEU B 96 9.40 -16.81 6.74
N SER B 97 8.21 -16.71 6.16
CA SER B 97 7.38 -17.88 5.86
C SER B 97 8.10 -18.87 4.95
N CYS B 98 8.85 -18.34 3.97
CA CYS B 98 9.63 -19.17 3.05
C CYS B 98 10.92 -19.67 3.68
N LYS B 99 11.74 -18.73 4.18
CA LYS B 99 13.00 -19.08 4.83
C LYS B 99 12.81 -20.10 5.95
N TYR B 100 11.73 -19.95 6.71
CA TYR B 100 11.49 -20.84 7.84
C TYR B 100 10.46 -21.93 7.59
N GLN B 101 10.01 -22.03 6.34
CA GLN B 101 9.12 -23.11 5.89
C GLN B 101 7.94 -23.29 6.84
N THR B 102 7.20 -22.20 7.04
CA THR B 102 6.08 -22.20 7.97
C THR B 102 4.92 -23.01 7.40
N PRO B 103 4.00 -23.49 8.27
CA PRO B 103 2.82 -24.22 7.79
C PRO B 103 2.13 -23.52 6.62
N ASP B 104 1.76 -24.31 5.61
CA ASP B 104 1.26 -23.78 4.33
C ASP B 104 0.08 -22.81 4.42
N HIS B 105 -0.80 -23.00 5.38
CA HIS B 105 -2.02 -22.25 5.41
C HIS B 105 -1.78 -20.76 5.54
N TRP B 106 -0.68 -20.40 6.15
CA TRP B 106 -0.35 -19.00 6.37
C TRP B 106 -0.23 -18.29 5.04
N TYR B 107 0.40 -18.94 4.08
CA TYR B 107 0.68 -18.35 2.78
C TYR B 107 0.64 -19.44 1.71
N PRO B 108 -0.54 -19.86 1.30
CA PRO B 108 -0.73 -21.12 0.58
C PRO B 108 0.01 -21.16 -0.76
N SER B 109 0.51 -22.34 -1.11
CA SER B 109 1.22 -22.57 -2.37
C SER B 109 0.24 -22.47 -3.52
N ASP B 110 -1.00 -22.88 -3.27
CA ASP B 110 -2.05 -22.89 -4.28
C ASP B 110 -2.17 -21.51 -4.93
N LEU B 111 -2.12 -21.51 -6.27
CA LEU B 111 -2.11 -20.29 -7.07
C LEU B 111 -3.22 -19.31 -6.68
N GLN B 112 -4.46 -19.79 -6.71
CA GLN B 112 -5.63 -18.95 -6.42
C GLN B 112 -5.75 -18.54 -4.96
N ALA B 113 -5.43 -19.45 -4.04
CA ALA B 113 -5.46 -19.15 -2.61
C ALA B 113 -4.41 -18.11 -2.26
N ARG B 114 -3.23 -18.22 -2.87
CA ARG B 114 -2.18 -17.21 -2.68
C ARG B 114 -2.62 -15.86 -3.25
N ALA B 115 -3.22 -15.89 -4.43
CA ALA B 115 -3.74 -14.69 -5.08
C ALA B 115 -4.74 -13.96 -4.18
N ARG B 116 -5.52 -14.70 -3.42
CA ARG B 116 -6.49 -14.14 -2.48
C ARG B 116 -5.80 -13.40 -1.35
N VAL B 117 -4.67 -13.94 -0.91
CA VAL B 117 -3.86 -13.31 0.13
C VAL B 117 -3.21 -12.03 -0.40
N HIS B 118 -2.67 -12.08 -1.61
CA HIS B 118 -2.07 -10.89 -2.23
C HIS B 118 -3.12 -9.82 -2.51
N GLU B 119 -4.29 -10.25 -2.97
CA GLU B 119 -5.41 -9.34 -3.19
C GLU B 119 -5.76 -8.60 -1.90
N TYR B 120 -5.92 -9.34 -0.80
CA TYR B 120 -6.20 -8.68 0.47
C TYR B 120 -5.08 -7.71 0.86
N LEU B 121 -3.83 -8.18 0.79
CA LEU B 121 -2.68 -7.34 1.16
C LEU B 121 -2.64 -6.04 0.38
N GLY B 122 -2.98 -6.12 -0.91
CA GLY B 122 -3.02 -4.95 -1.78
C GLY B 122 -4.11 -3.97 -1.37
N TRP B 123 -5.30 -4.49 -1.10
CA TRP B 123 -6.44 -3.68 -0.69
C TRP B 123 -6.18 -3.08 0.70
N HIS B 124 -5.60 -3.90 1.57
CA HIS B 124 -5.19 -3.48 2.92
C HIS B 124 -4.27 -2.25 2.88
N ALA B 125 -3.23 -2.31 2.06
CA ALA B 125 -2.27 -1.19 1.91
C ALA B 125 -2.97 0.12 1.54
N ASP B 126 -4.08 -0.02 0.83
CA ASP B 126 -4.79 1.09 0.23
C ASP B 126 -5.87 1.65 1.15
N CYS B 127 -6.66 0.74 1.74
CA CYS B 127 -7.87 1.10 2.48
C CYS B 127 -7.78 1.01 4.00
N ILE B 128 -6.82 0.22 4.51
CA ILE B 128 -6.69 -0.02 5.95
C ILE B 128 -5.49 0.75 6.51
N ARG B 129 -4.31 0.40 6.00
CA ARG B 129 -3.07 1.06 6.35
C ARG B 129 -3.16 2.55 6.07
N GLY B 130 -2.81 3.37 7.06
CA GLY B 130 -2.88 4.82 6.89
C GLY B 130 -4.24 5.41 7.23
N THR B 131 -5.25 4.56 7.35
CA THR B 131 -6.59 4.99 7.76
C THR B 131 -6.90 4.62 9.21
N PHE B 132 -6.66 3.36 9.58
CA PHE B 132 -7.06 2.90 10.90
C PHE B 132 -6.15 3.36 12.04
N GLY B 133 -4.95 3.82 11.67
CA GLY B 133 -3.99 4.30 12.65
C GLY B 133 -4.26 5.73 13.10
N ILE B 134 -5.06 6.44 12.33
CA ILE B 134 -5.32 7.87 12.57
C ILE B 134 -5.81 8.24 14.00
N PRO B 135 -6.69 7.41 14.61
CA PRO B 135 -7.10 7.74 15.97
C PRO B 135 -5.95 7.92 16.98
N LEU B 136 -4.84 7.20 16.80
CA LEU B 136 -3.68 7.41 17.69
C LEU B 136 -3.10 8.81 17.54
N TRP B 137 -3.10 9.30 16.30
CA TRP B 137 -2.65 10.66 16.01
C TRP B 137 -3.59 11.71 16.58
N VAL B 138 -4.90 11.44 16.48
CA VAL B 138 -5.89 12.38 16.97
C VAL B 138 -5.82 12.51 18.49
N GLN B 139 -5.75 11.37 19.16
CA GLN B 139 -5.92 11.33 20.60
C GLN B 139 -4.63 11.45 21.40
N VAL B 140 -3.52 10.99 20.83
CA VAL B 140 -2.27 10.88 21.59
C VAL B 140 -1.12 11.70 20.96
N LEU B 141 -0.74 11.35 19.74
CA LEU B 141 0.54 11.83 19.18
C LEU B 141 0.52 13.29 18.76
N GLY B 142 -0.57 13.73 18.13
CA GLY B 142 -0.78 15.14 17.83
C GLY B 142 -0.76 16.00 19.10
N PRO B 143 -1.67 15.72 20.04
CA PRO B 143 -1.66 16.51 21.27
C PRO B 143 -0.31 16.48 21.99
N LEU B 144 0.39 15.35 21.93
CA LEU B 144 1.73 15.23 22.53
C LEU B 144 2.68 16.35 22.08
N ILE B 145 2.55 16.81 20.84
CA ILE B 145 3.41 17.90 20.35
C ILE B 145 2.63 19.20 20.11
N GLY B 146 1.48 19.33 20.77
CA GLY B 146 0.70 20.57 20.74
C GLY B 146 -0.15 20.75 19.50
N VAL B 147 -0.39 19.67 18.76
CA VAL B 147 -1.10 19.78 17.48
C VAL B 147 -2.46 19.06 17.54
N GLN B 148 -3.53 19.76 17.21
CA GLN B 148 -4.84 19.13 17.18
C GLN B 148 -5.20 18.74 15.76
N VAL B 149 -5.81 17.57 15.59
CA VAL B 149 -6.38 17.17 14.31
C VAL B 149 -7.79 17.78 14.20
N PRO B 150 -8.06 18.60 13.17
CA PRO B 150 -9.40 19.23 13.02
C PRO B 150 -10.54 18.22 13.05
N LYS B 151 -11.69 18.61 13.63
CA LYS B 151 -12.84 17.72 13.82
C LYS B 151 -13.35 17.11 12.53
N GLU B 152 -13.42 17.92 11.48
CA GLU B 152 -13.89 17.48 10.17
C GLU B 152 -13.05 16.31 9.65
N LYS B 153 -11.75 16.32 9.94
CA LYS B 153 -10.89 15.21 9.53
C LYS B 153 -11.17 13.95 10.35
N VAL B 154 -11.40 14.14 11.64
CA VAL B 154 -11.74 13.04 12.52
C VAL B 154 -13.02 12.36 12.04
N GLU B 155 -14.06 13.16 11.74
CA GLU B 155 -15.31 12.63 11.20
C GLU B 155 -15.13 11.86 9.90
N ARG B 156 -14.37 12.45 8.98
CA ARG B 156 -14.06 11.81 7.70
C ARG B 156 -13.37 10.45 7.92
N ASN B 157 -12.43 10.42 8.86
CA ASN B 157 -11.70 9.20 9.17
C ASN B 157 -12.61 8.10 9.73
N ARG B 158 -13.52 8.49 10.63
CA ARG B 158 -14.54 7.56 11.16
C ARG B 158 -15.42 6.97 10.07
N THR B 159 -15.88 7.81 9.15
CA THR B 159 -16.69 7.33 8.00
C THR B 159 -15.87 6.39 7.12
N ALA B 160 -14.61 6.77 6.87
CA ALA B 160 -13.71 5.94 6.08
C ALA B 160 -13.50 4.57 6.75
N MET B 161 -13.29 4.56 8.07
CA MET B 161 -13.14 3.30 8.80
C MET B 161 -14.39 2.42 8.69
N ASP B 162 -15.56 3.04 8.80
CA ASP B 162 -16.82 2.29 8.74
C ASP B 162 -17.05 1.68 7.36
N GLN B 163 -16.72 2.44 6.32
CA GLN B 163 -16.84 1.94 4.95
C GLN B 163 -15.90 0.75 4.75
N ALA B 164 -14.67 0.89 5.23
CA ALA B 164 -13.65 -0.16 5.08
C ALA B 164 -14.03 -1.45 5.81
N LEU B 165 -14.62 -1.31 7.00
CA LEU B 165 -15.12 -2.47 7.74
C LEU B 165 -16.25 -3.17 7.01
N GLN B 166 -17.14 -2.39 6.41
CA GLN B 166 -18.23 -2.91 5.58
C GLN B 166 -17.70 -3.75 4.42
N TRP B 167 -16.67 -3.23 3.73
CA TRP B 167 -16.02 -3.97 2.64
C TRP B 167 -15.27 -5.19 3.14
N LEU B 168 -14.64 -5.03 4.30
CA LEU B 168 -13.94 -6.14 4.94
C LEU B 168 -14.90 -7.30 5.20
N GLU B 169 -16.07 -6.97 5.74
CA GLU B 169 -17.13 -7.94 5.99
C GLU B 169 -17.67 -8.58 4.72
N ASP B 170 -18.05 -7.74 3.76
CA ASP B 170 -18.79 -8.18 2.57
C ASP B 170 -17.94 -8.83 1.49
N LYS B 171 -16.89 -8.13 1.06
CA LYS B 171 -16.01 -8.64 0.00
C LYS B 171 -15.10 -9.77 0.48
N PHE B 172 -14.36 -9.54 1.56
CA PHE B 172 -13.32 -10.48 1.97
C PHE B 172 -13.82 -11.60 2.87
N LEU B 173 -14.34 -11.26 4.05
CA LEU B 173 -14.85 -12.27 4.97
C LEU B 173 -15.99 -13.08 4.34
N GLY B 174 -17.06 -12.40 3.94
CA GLY B 174 -18.24 -13.09 3.41
C GLY B 174 -18.80 -14.01 4.47
N ASP B 175 -19.24 -15.20 4.07
CA ASP B 175 -19.67 -16.23 5.02
C ASP B 175 -18.55 -17.25 5.30
N ARG B 176 -17.32 -16.87 4.95
CA ARG B 176 -16.13 -17.68 5.19
C ARG B 176 -15.54 -17.40 6.59
N PRO B 177 -14.77 -18.35 7.16
CA PRO B 177 -14.22 -18.15 8.51
C PRO B 177 -13.16 -17.06 8.63
N PHE B 178 -12.36 -16.88 7.58
CA PHE B 178 -11.25 -15.91 7.59
C PHE B 178 -11.26 -15.06 6.33
N LEU B 179 -10.35 -14.08 6.26
CA LEU B 179 -10.40 -13.06 5.22
C LEU B 179 -10.02 -13.55 3.82
N ALA B 180 -9.16 -14.57 3.75
CA ALA B 180 -8.68 -15.07 2.46
C ALA B 180 -8.94 -16.55 2.27
N GLY B 181 -9.99 -17.06 2.90
CA GLY B 181 -10.38 -18.45 2.72
C GLY B 181 -10.72 -19.17 4.01
N GLN B 182 -10.45 -20.47 4.03
CA GLN B 182 -10.89 -21.35 5.12
C GLN B 182 -9.96 -21.36 6.34
N GLN B 183 -8.76 -20.81 6.20
CA GLN B 183 -7.79 -20.79 7.31
C GLN B 183 -7.12 -19.42 7.51
N VAL B 184 -6.50 -19.25 8.69
CA VAL B 184 -5.74 -18.05 9.02
C VAL B 184 -4.58 -17.92 8.04
N THR B 185 -4.48 -16.74 7.43
CA THR B 185 -3.37 -16.41 6.56
C THR B 185 -2.71 -15.11 7.07
N LEU B 186 -1.66 -14.67 6.38
CA LEU B 186 -1.02 -13.39 6.69
C LEU B 186 -2.02 -12.23 6.66
N ALA B 187 -3.00 -12.32 5.75
CA ALA B 187 -4.09 -11.36 5.63
C ALA B 187 -4.78 -11.08 6.97
N ASP B 188 -5.14 -12.14 7.69
CA ASP B 188 -5.83 -12.01 8.98
C ASP B 188 -4.94 -11.35 10.03
N LEU B 189 -3.65 -11.67 9.99
CA LEU B 189 -2.69 -11.11 10.93
C LEU B 189 -2.54 -9.59 10.77
N MET B 190 -2.36 -9.16 9.53
CA MET B 190 -2.26 -7.73 9.18
C MET B 190 -3.52 -6.97 9.57
N ALA B 191 -4.67 -7.49 9.15
CA ALA B 191 -5.97 -6.86 9.40
C ALA B 191 -6.23 -6.65 10.88
N LEU B 192 -6.05 -7.71 11.67
CA LEU B 192 -6.32 -7.65 13.11
C LEU B 192 -5.49 -6.58 13.80
N GLU B 193 -4.19 -6.55 13.52
CA GLU B 193 -3.30 -5.61 14.18
C GLU B 193 -3.58 -4.15 13.83
N GLU B 194 -4.12 -3.92 12.64
CA GLU B 194 -4.57 -2.59 12.25
C GLU B 194 -5.88 -2.22 12.96
N LEU B 195 -6.81 -3.16 13.02
CA LEU B 195 -8.09 -2.93 13.67
C LEU B 195 -7.94 -2.75 15.18
N MET B 196 -6.89 -3.35 15.74
CA MET B 196 -6.57 -3.21 17.15
C MET B 196 -6.20 -1.78 17.53
N GLN B 197 -5.68 -1.00 16.58
CA GLN B 197 -5.23 0.37 16.90
C GLN B 197 -6.40 1.26 17.38
N PRO B 198 -7.50 1.35 16.62
CA PRO B 198 -8.64 2.10 17.16
C PRO B 198 -9.30 1.45 18.38
N VAL B 199 -9.34 0.12 18.41
CA VAL B 199 -9.92 -0.61 19.55
C VAL B 199 -9.21 -0.23 20.84
N ALA B 200 -7.88 -0.18 20.78
CA ALA B 200 -7.05 0.17 21.93
C ALA B 200 -7.28 1.60 22.42
N LEU B 201 -7.82 2.46 21.55
CA LEU B 201 -8.14 3.84 21.95
C LEU B 201 -9.63 4.05 22.23
N GLY B 202 -10.36 2.96 22.37
CA GLY B 202 -11.76 3.03 22.77
C GLY B 202 -12.80 3.11 21.67
N TYR B 203 -12.38 2.98 20.42
CA TYR B 203 -13.30 2.81 19.29
C TYR B 203 -13.66 1.32 19.24
N GLU B 204 -14.88 0.99 19.63
CA GLU B 204 -15.31 -0.41 19.64
C GLU B 204 -15.85 -0.83 18.28
N LEU B 205 -14.92 -1.10 17.35
CA LEU B 205 -15.22 -1.39 15.95
C LEU B 205 -16.03 -2.66 15.71
N PHE B 206 -15.93 -3.63 16.61
CA PHE B 206 -16.58 -4.91 16.41
C PHE B 206 -18.05 -4.95 16.84
N GLU B 207 -18.45 -3.99 17.68
CA GLU B 207 -19.84 -3.89 18.12
C GLU B 207 -20.73 -3.60 16.92
N GLY B 208 -21.90 -4.24 16.87
CA GLY B 208 -22.82 -4.08 15.77
C GLY B 208 -22.37 -4.79 14.50
N ARG B 209 -21.19 -5.42 14.57
CA ARG B 209 -20.65 -6.18 13.45
CA ARG B 209 -20.63 -6.16 13.46
C ARG B 209 -20.40 -7.63 13.84
N PRO B 210 -21.50 -8.43 13.96
CA PRO B 210 -21.39 -9.82 14.40
C PRO B 210 -20.40 -10.70 13.61
N ARG B 211 -20.42 -10.61 12.28
CA ARG B 211 -19.53 -11.42 11.45
C ARG B 211 -18.06 -11.10 11.73
N LEU B 212 -17.75 -9.81 11.87
CA LEU B 212 -16.39 -9.37 12.16
C LEU B 212 -15.93 -9.78 13.55
N ALA B 213 -16.83 -9.63 14.53
CA ALA B 213 -16.60 -10.04 15.91
C ALA B 213 -16.23 -11.53 15.98
N ALA B 214 -17.03 -12.37 15.32
CA ALA B 214 -16.77 -13.82 15.29
C ALA B 214 -15.39 -14.10 14.69
N TRP B 215 -15.09 -13.41 13.60
CA TRP B 215 -13.78 -13.52 12.95
C TRP B 215 -12.63 -13.23 13.91
N ARG B 216 -12.67 -12.08 14.59
CA ARG B 216 -11.67 -11.73 15.60
C ARG B 216 -11.48 -12.86 16.63
N GLY B 217 -12.59 -13.33 17.21
CA GLY B 217 -12.57 -14.45 18.16
C GLY B 217 -11.85 -15.66 17.59
N ARG B 218 -12.17 -15.97 16.33
CA ARG B 218 -11.54 -17.07 15.61
C ARG B 218 -10.03 -16.88 15.49
N VAL B 219 -9.61 -15.69 15.07
CA VAL B 219 -8.19 -15.40 14.87
C VAL B 219 -7.43 -15.45 16.20
N GLU B 220 -8.01 -14.81 17.22
CA GLU B 220 -7.40 -14.76 18.54
C GLU B 220 -7.35 -16.12 19.22
N ALA B 221 -8.37 -16.95 18.99
CA ALA B 221 -8.37 -18.32 19.53
C ALA B 221 -7.21 -19.11 18.94
N PHE B 222 -6.96 -18.94 17.65
CA PHE B 222 -5.84 -19.59 16.98
C PHE B 222 -4.49 -19.09 17.50
N LEU B 223 -4.35 -17.78 17.65
CA LEU B 223 -3.09 -17.18 18.10
C LEU B 223 -2.75 -17.56 19.54
N GLY B 224 -3.78 -17.73 20.36
CA GLY B 224 -3.60 -18.00 21.79
C GLY B 224 -3.77 -16.70 22.56
N ALA B 225 -4.38 -16.80 23.73
CA ALA B 225 -4.66 -15.64 24.56
C ALA B 225 -3.39 -14.95 25.03
N GLU B 226 -2.40 -15.75 25.44
CA GLU B 226 -1.15 -15.23 25.98
C GLU B 226 -0.34 -14.47 24.95
N LEU B 227 -0.29 -14.98 23.72
CA LEU B 227 0.39 -14.28 22.64
C LEU B 227 -0.29 -12.96 22.30
N CYS B 228 -1.62 -12.98 22.18
CA CYS B 228 -2.39 -11.76 21.93
C CYS B 228 -2.14 -10.72 23.02
N GLN B 229 -2.19 -11.17 24.27
CA GLN B 229 -1.95 -10.32 25.43
C GLN B 229 -0.63 -9.56 25.32
N GLU B 230 0.47 -10.27 25.05
CA GLU B 230 1.79 -9.64 25.04
C GLU B 230 2.05 -8.80 23.79
N ALA B 231 1.36 -9.15 22.69
CA ALA B 231 1.44 -8.35 21.47
C ALA B 231 0.70 -7.01 21.65
N HIS B 232 -0.45 -7.06 22.31
CA HIS B 232 -1.34 -5.90 22.40
C HIS B 232 -1.11 -5.04 23.63
N SER B 233 -0.28 -5.54 24.54
CA SER B 233 -0.05 -4.90 25.84
C SER B 233 0.26 -3.40 25.74
N ILE B 234 1.25 -3.06 24.94
CA ILE B 234 1.68 -1.67 24.80
C ILE B 234 0.55 -0.78 24.26
N ILE B 235 -0.06 -1.16 23.15
CA ILE B 235 -1.10 -0.31 22.56
C ILE B 235 -2.32 -0.14 23.48
N LEU B 236 -2.66 -1.19 24.23
CA LEU B 236 -3.77 -1.13 25.19
C LEU B 236 -3.51 -0.20 26.38
N SER B 237 -2.26 0.15 26.62
CA SER B 237 -1.90 1.03 27.74
C SER B 237 -1.55 2.46 27.31
N ILE B 238 -1.47 2.71 26.01
CA ILE B 238 -0.92 3.99 25.53
C ILE B 238 -1.79 5.20 25.85
N LEU B 239 -3.10 5.05 25.73
CA LEU B 239 -3.99 6.16 26.01
C LEU B 239 -3.84 6.62 27.46
N GLU B 240 -3.82 5.66 28.37
CA GLU B 240 -3.64 5.95 29.80
C GLU B 240 -2.26 6.55 30.11
N GLN B 241 -1.22 6.03 29.47
CA GLN B 241 0.13 6.56 29.64
C GLN B 241 0.23 8.00 29.15
N ALA B 242 -0.41 8.29 28.01
CA ALA B 242 -0.48 9.65 27.47
C ALA B 242 -1.17 10.59 28.44
N ALA B 243 -2.24 10.10 29.06
CA ALA B 243 -3.03 10.86 30.01
C ALA B 243 -2.22 11.18 31.26
N LYS B 244 -1.42 10.23 31.70
CA LYS B 244 -0.56 10.42 32.87
C LYS B 244 0.78 11.08 32.50
N LYS B 245 0.94 11.43 31.22
CA LYS B 245 2.13 12.12 30.71
C LYS B 245 3.44 11.38 31.00
N THR B 246 3.44 10.08 30.79
CA THR B 246 4.62 9.23 30.98
C THR B 246 5.28 8.83 29.65
N LEU B 247 4.79 9.37 28.53
CA LEU B 247 5.37 9.08 27.22
C LEU B 247 6.64 9.92 27.03
N PRO B 248 7.60 9.41 26.23
CA PRO B 248 8.80 10.22 25.96
C PRO B 248 8.45 11.49 25.19
N THR B 249 9.32 12.49 25.30
CA THR B 249 9.26 13.70 24.48
C THR B 249 9.88 13.35 23.14
N PRO B 250 9.15 13.57 22.04
CA PRO B 250 9.72 13.27 20.73
C PRO B 250 10.99 14.08 20.43
N SER B 251 11.97 13.44 19.79
CA SER B 251 13.14 14.13 19.28
C SER B 251 12.73 15.12 18.18
N PRO B 252 13.61 16.07 17.84
CA PRO B 252 13.32 17.01 16.74
C PRO B 252 13.05 16.29 15.41
N GLU B 253 13.79 15.21 15.16
CA GLU B 253 13.56 14.38 13.96
C GLU B 253 12.18 13.72 14.01
N ALA B 254 11.80 13.18 15.17
CA ALA B 254 10.49 12.58 15.31
C ALA B 254 9.38 13.62 15.15
N TYR B 255 9.57 14.78 15.78
CA TYR B 255 8.67 15.93 15.65
C TYR B 255 8.38 16.28 14.19
N GLN B 256 9.43 16.41 13.40
CA GLN B 256 9.33 16.71 11.99
C GLN B 256 8.51 15.67 11.22
N ALA B 257 8.76 14.39 11.51
CA ALA B 257 8.06 13.29 10.84
C ALA B 257 6.60 13.26 11.30
N MET B 258 6.39 13.53 12.59
CA MET B 258 5.02 13.60 13.13
C MET B 258 4.21 14.71 12.46
N LEU B 259 4.81 15.90 12.31
CA LEU B 259 4.15 17.02 11.65
C LEU B 259 3.73 16.69 10.22
N LEU B 260 4.60 15.99 9.50
CA LEU B 260 4.33 15.55 8.14
C LEU B 260 3.21 14.54 8.10
N ARG B 261 3.25 13.56 9.01
CA ARG B 261 2.21 12.54 9.06
C ARG B 261 0.84 13.15 9.36
N ILE B 262 0.80 14.08 10.32
CA ILE B 262 -0.45 14.73 10.70
C ILE B 262 -1.04 15.54 9.53
N ALA B 263 -0.19 16.24 8.79
CA ALA B 263 -0.61 16.99 7.63
C ALA B 263 -1.07 16.11 6.45
N ARG B 264 -0.73 14.82 6.49
CA ARG B 264 -1.21 13.83 5.51
C ARG B 264 -2.60 13.29 5.85
N ILE B 265 -3.14 13.62 7.02
CA ILE B 265 -4.54 13.25 7.35
C ILE B 265 -5.46 14.16 6.52
N PRO B 266 -6.37 13.55 5.73
CA PRO B 266 -7.20 14.32 4.80
C PRO B 266 -8.43 14.96 5.46
O1 TLA C . 11.33 -12.08 -25.40
O11 TLA C . 12.90 -10.61 -24.97
C1 TLA C . 12.02 -11.42 -24.59
C2 TLA C . 11.79 -11.60 -23.12
O2 TLA C . 11.15 -12.86 -22.86
C3 TLA C . 10.90 -10.48 -22.59
O3 TLA C . 9.62 -10.50 -23.26
C4 TLA C . 10.73 -10.65 -21.11
O4 TLA C . 11.73 -10.92 -20.39
O41 TLA C . 9.57 -10.55 -20.63
P PO4 D . -5.26 8.14 -8.16
O1 PO4 D . -4.10 7.29 -8.62
O2 PO4 D . -6.10 8.49 -9.37
O3 PO4 D . -6.11 7.37 -7.18
O4 PO4 D . -4.76 9.38 -7.47
P PO4 E . -0.49 5.05 11.12
O1 PO4 E . -0.94 3.61 11.19
O2 PO4 E . 0.47 5.24 9.96
O3 PO4 E . -1.67 5.98 10.93
O4 PO4 E . 0.22 5.37 12.42
#